data_8SCH
#
_entry.id   8SCH
#
_entity_poly.entity_id   1
_entity_poly.type   'polyribonucleotide'
_entity_poly.pdbx_seq_one_letter_code
;GAGAAUCCAGCUCUGGAAGCGUUUAUAUAACAUGAAAUAUAUAUACGCAUUCCGAUCAAAGCUGGGUU
;
_entity_poly.pdbx_strand_id   A
#
loop_
_chem_comp.id
_chem_comp.type
_chem_comp.name
_chem_comp.formula
A RNA linking ADENOSINE-5'-MONOPHOSPHATE 'C10 H14 N5 O7 P'
C RNA linking CYTIDINE-5'-MONOPHOSPHATE 'C9 H14 N3 O8 P'
G RNA linking GUANOSINE-5'-MONOPHOSPHATE 'C10 H14 N5 O8 P'
U RNA linking URIDINE-5'-MONOPHOSPHATE 'C9 H13 N2 O9 P'
#